data_8KH2
#
_entry.id   8KH2
#
_cell.length_a   181.935
_cell.length_b   181.935
_cell.length_c   181.935
_cell.angle_alpha   90.000
_cell.angle_beta   90.000
_cell.angle_gamma   90.000
#
_symmetry.space_group_name_H-M   'F 4 3 2'
#
loop_
_entity.id
_entity.type
_entity.pdbx_description
1 polymer 'Ferritin light chain,Amyloid-beta precursor protein (Fragment)'
2 non-polymer 'CADMIUM ION'
3 non-polymer 'SULFATE ION'
4 non-polymer 'CHLORIDE ION'
5 water water
#
_entity_poly.entity_id   1
_entity_poly.type   'polypeptide(L)'
_entity_poly.pdbx_seq_one_letter_code
;SSQIRQNYSTEVEAAVNRLVNLYLRASYTYLSLGFYFDRDDVALEGVCHFFRELAEEKREGAERLLKMQNQRGGRALFQD
LQKPSQDEWGTTLDAMKAAIVLEKSLNQALLDLHALGSAQADPHLCDFLESHFLDEEVKLIKKMGDHLTNIQRLVGSQAG
LGEYLFERLTLKHDGGGDAEFRHDSGYEVHHQKLVFFAEDVGSNKGAIIGLMVGGVVIA
;
_entity_poly.pdbx_strand_id   A
#
loop_
_chem_comp.id
_chem_comp.type
_chem_comp.name
_chem_comp.formula
CD non-polymer 'CADMIUM ION' 'Cd 2'
CL non-polymer 'CHLORIDE ION' 'Cl -1'
SO4 non-polymer 'SULFATE ION' 'O4 S -2'
#
# COMPACT_ATOMS: atom_id res chain seq x y z
N SER A 1 -9.26 -16.55 26.82
CA SER A 1 -7.88 -16.09 27.09
C SER A 1 -6.89 -17.19 26.65
N SER A 2 -5.75 -16.76 26.09
CA SER A 2 -4.96 -17.57 25.17
C SER A 2 -3.94 -18.45 25.89
N GLN A 3 -3.80 -19.67 25.36
CA GLN A 3 -2.70 -20.54 25.72
C GLN A 3 -1.36 -19.97 25.29
N ILE A 4 -1.24 -19.11 24.26
CA ILE A 4 0.09 -18.79 23.71
C ILE A 4 0.48 -17.32 23.96
N ARG A 5 -0.51 -16.45 24.20
CA ARG A 5 -0.31 -15.02 24.11
C ARG A 5 0.69 -14.61 25.19
N GLN A 6 1.73 -13.85 24.83
CA GLN A 6 2.71 -13.38 25.80
C GLN A 6 3.26 -12.07 25.26
N ASN A 7 3.19 -11.04 26.09
CA ASN A 7 3.73 -9.72 25.82
C ASN A 7 3.02 -9.10 24.64
N TYR A 8 1.74 -9.45 24.43
CA TYR A 8 0.98 -8.95 23.31
C TYR A 8 -0.22 -8.14 23.79
N SER A 9 -0.05 -6.81 23.77
CA SER A 9 -1.03 -5.85 24.30
C SER A 9 -2.31 -5.84 23.46
N THR A 10 -3.42 -5.55 24.15
CA THR A 10 -4.69 -5.39 23.45
C THR A 10 -4.57 -4.20 22.52
N GLU A 11 -3.73 -3.19 22.86
CA GLU A 11 -3.60 -2.01 22.03
C GLU A 11 -2.93 -2.35 20.70
N VAL A 12 -1.91 -3.23 20.76
CA VAL A 12 -1.26 -3.68 19.55
C VAL A 12 -2.22 -4.54 18.76
N GLU A 13 -2.88 -5.47 19.42
CA GLU A 13 -3.78 -6.36 18.73
C GLU A 13 -4.72 -5.51 17.90
N ALA A 14 -5.31 -4.50 18.54
CA ALA A 14 -6.33 -3.73 17.82
C ALA A 14 -5.73 -2.92 16.67
N ALA A 15 -4.55 -2.36 16.90
CA ALA A 15 -3.95 -1.56 15.84
C ALA A 15 -3.58 -2.44 14.66
N VAL A 16 -3.19 -3.71 14.94
CA VAL A 16 -2.90 -4.67 13.87
C VAL A 16 -4.15 -4.92 13.03
N ASN A 17 -5.31 -5.13 13.65
CA ASN A 17 -6.54 -5.30 12.88
C ASN A 17 -6.85 -4.06 12.05
N ARG A 18 -6.61 -2.85 12.57
CA ARG A 18 -6.85 -1.66 11.75
C ARG A 18 -5.87 -1.59 10.57
N LEU A 19 -4.60 -1.94 10.77
CA LEU A 19 -3.65 -1.97 9.69
C LEU A 19 -4.03 -2.97 8.61
N VAL A 20 -4.56 -4.12 8.99
CA VAL A 20 -5.08 -5.05 8.03
C VAL A 20 -6.16 -4.33 7.22
N ASN A 21 -7.11 -3.63 7.89
CA ASN A 21 -8.14 -2.94 7.14
C ASN A 21 -7.47 -1.96 6.16
N LEU A 22 -6.44 -1.24 6.59
CA LEU A 22 -5.80 -0.24 5.71
C LEU A 22 -5.16 -0.89 4.48
N TYR A 23 -4.46 -1.99 4.70
CA TYR A 23 -3.79 -2.67 3.61
C TYR A 23 -4.85 -3.21 2.64
N LEU A 24 -5.92 -3.82 3.15
CA LEU A 24 -6.93 -4.32 2.24
C LEU A 24 -7.54 -3.15 1.47
N ARG A 25 -7.77 -2.03 2.13
CA ARG A 25 -8.33 -0.89 1.44
C ARG A 25 -7.39 -0.43 0.32
N ALA A 26 -6.10 -0.45 0.60
CA ALA A 26 -5.09 -0.10 -0.37
C ALA A 26 -5.12 -1.05 -1.55
N SER A 27 -5.21 -2.35 -1.28
CA SER A 27 -5.35 -3.34 -2.33
C SER A 27 -6.52 -3.01 -3.23
N TYR A 28 -7.65 -2.66 -2.62
CA TYR A 28 -8.86 -2.40 -3.38
C TYR A 28 -8.65 -1.20 -4.28
N THR A 29 -8.01 -0.15 -3.72
CA THR A 29 -7.74 1.07 -4.45
C THR A 29 -6.93 0.71 -5.70
N TYR A 30 -5.95 -0.20 -5.53
CA TYR A 30 -5.06 -0.50 -6.63
C TYR A 30 -5.76 -1.38 -7.67
N LEU A 31 -6.71 -2.21 -7.19
CA LEU A 31 -7.52 -3.00 -8.11
C LEU A 31 -8.32 -2.05 -9.02
N SER A 32 -8.92 -1.01 -8.44
CA SER A 32 -9.62 0.02 -9.18
C SER A 32 -8.70 0.81 -10.08
N LEU A 33 -7.52 1.16 -9.61
CA LEU A 33 -6.61 1.88 -10.52
C LEU A 33 -6.20 0.99 -11.70
N GLY A 34 -5.87 -0.30 -11.42
CA GLY A 34 -5.48 -1.25 -12.47
C GLY A 34 -6.55 -1.38 -13.57
N PHE A 35 -7.79 -1.60 -13.17
CA PHE A 35 -8.79 -1.79 -14.19
C PHE A 35 -9.15 -0.49 -14.91
N TYR A 36 -9.02 0.70 -14.28
CA TYR A 36 -9.21 1.94 -15.01
C TYR A 36 -8.22 2.04 -16.18
N PHE A 37 -6.98 1.60 -15.99
CA PHE A 37 -5.98 1.79 -17.06
C PHE A 37 -6.04 0.68 -18.13
N ASP A 38 -6.87 -0.33 -17.87
CA ASP A 38 -7.28 -1.34 -18.85
C ASP A 38 -8.53 -0.93 -19.66
N ARG A 39 -9.15 0.21 -19.39
CA ARG A 39 -10.27 0.66 -20.20
C ARG A 39 -9.80 0.91 -21.64
N ASP A 40 -10.68 0.63 -22.62
CA ASP A 40 -10.33 0.83 -24.02
C ASP A 40 -10.06 2.31 -24.30
N ASP A 41 -10.64 3.23 -23.53
CA ASP A 41 -10.43 4.65 -23.73
C ASP A 41 -9.31 5.23 -22.84
N VAL A 42 -8.53 4.39 -22.20
CA VAL A 42 -7.40 4.81 -21.42
C VAL A 42 -6.20 4.02 -21.96
N ALA A 43 -6.28 2.68 -21.93
CA ALA A 43 -5.42 1.76 -22.70
C ALA A 43 -3.91 2.00 -22.51
N LEU A 44 -3.49 1.85 -21.27
CA LEU A 44 -2.09 1.98 -20.91
C LEU A 44 -1.70 0.74 -20.15
N GLU A 45 -1.23 -0.28 -20.85
CA GLU A 45 -1.16 -1.61 -20.27
C GLU A 45 -0.10 -1.65 -19.16
N GLY A 46 1.03 -0.96 -19.37
CA GLY A 46 2.08 -0.92 -18.37
C GLY A 46 1.64 -0.27 -17.03
N VAL A 47 0.73 0.69 -17.09
CA VAL A 47 0.21 1.35 -15.95
C VAL A 47 -0.76 0.37 -15.26
N CYS A 48 -1.62 -0.26 -16.06
CA CYS A 48 -2.49 -1.32 -15.56
C CYS A 48 -1.71 -2.38 -14.75
N HIS A 49 -0.63 -2.88 -15.31
CA HIS A 49 0.12 -3.98 -14.72
C HIS A 49 0.81 -3.52 -13.44
N PHE A 50 1.37 -2.30 -13.45
CA PHE A 50 1.96 -1.70 -12.27
C PHE A 50 0.95 -1.64 -11.14
N PHE A 51 -0.27 -1.15 -11.39
CA PHE A 51 -1.21 -1.08 -10.28
C PHE A 51 -1.75 -2.45 -9.86
N ARG A 52 -1.96 -3.38 -10.80
CA ARG A 52 -2.44 -4.70 -10.41
C ARG A 52 -1.44 -5.41 -9.50
N GLU A 53 -0.14 -5.25 -9.84
CA GLU A 53 0.92 -5.85 -9.05
C GLU A 53 0.89 -5.28 -7.62
N LEU A 54 0.67 -3.95 -7.44
CA LEU A 54 0.51 -3.38 -6.12
C LEU A 54 -0.76 -3.88 -5.40
N ALA A 55 -1.88 -4.11 -6.09
CA ALA A 55 -3.03 -4.73 -5.46
C ALA A 55 -2.62 -6.00 -4.75
N GLU A 56 -1.85 -6.80 -5.47
CA GLU A 56 -1.41 -8.11 -5.00
C GLU A 56 -0.47 -7.88 -3.79
N GLU A 57 0.52 -6.97 -3.88
CA GLU A 57 1.46 -6.78 -2.79
C GLU A 57 0.71 -6.34 -1.54
N LYS A 58 -0.29 -5.51 -1.66
CA LYS A 58 -0.94 -4.99 -0.48
C LYS A 58 -1.81 -6.09 0.16
N ARG A 59 -2.48 -6.95 -0.67
CA ARG A 59 -3.19 -8.11 -0.15
CA ARG A 59 -3.19 -8.10 -0.14
C ARG A 59 -2.23 -9.00 0.63
N GLU A 60 -1.03 -9.23 0.10
CA GLU A 60 -0.06 -10.09 0.78
C GLU A 60 0.41 -9.49 2.11
N GLY A 61 0.57 -8.16 2.17
CA GLY A 61 0.82 -7.44 3.42
C GLY A 61 -0.24 -7.78 4.48
N ALA A 62 -1.53 -7.64 4.12
CA ALA A 62 -2.62 -7.89 5.06
C ALA A 62 -2.56 -9.33 5.56
N GLU A 63 -2.35 -10.26 4.61
CA GLU A 63 -2.22 -11.66 4.93
C GLU A 63 -1.07 -11.93 5.89
N ARG A 64 0.04 -11.20 5.79
CA ARG A 64 1.16 -11.46 6.68
C ARG A 64 0.87 -10.91 8.06
N LEU A 65 0.16 -9.77 8.11
CA LEU A 65 -0.27 -9.22 9.37
C LEU A 65 -1.28 -10.14 10.05
N LEU A 66 -2.17 -10.80 9.27
CA LEU A 66 -3.17 -11.69 9.86
C LEU A 66 -2.49 -12.95 10.40
N LYS A 67 -1.45 -13.39 9.73
CA LYS A 67 -0.74 -14.56 10.20
C LYS A 67 -0.02 -14.29 11.53
N MET A 68 0.61 -13.10 11.60
CA MET A 68 1.35 -12.71 12.78
C MET A 68 0.35 -12.55 13.93
N GLN A 69 -0.83 -11.99 13.63
CA GLN A 69 -1.87 -11.81 14.63
C GLN A 69 -2.12 -13.14 15.33
N ASN A 70 -2.23 -14.16 14.51
CA ASN A 70 -2.57 -15.49 15.03
C ASN A 70 -1.36 -16.09 15.74
N GLN A 71 -0.17 -15.80 15.21
CA GLN A 71 1.05 -16.33 15.83
C GLN A 71 1.24 -15.76 17.23
N ARG A 72 0.78 -14.53 17.48
CA ARG A 72 0.92 -13.91 18.79
C ARG A 72 -0.26 -14.20 19.69
N GLY A 73 -1.29 -14.87 19.16
CA GLY A 73 -2.47 -15.19 19.95
C GLY A 73 -3.51 -14.09 20.00
N GLY A 74 -3.40 -13.13 19.09
CA GLY A 74 -4.46 -12.15 18.96
C GLY A 74 -5.62 -12.66 18.10
N ARG A 75 -6.68 -11.87 18.00
CA ARG A 75 -7.85 -12.29 17.26
C ARG A 75 -8.09 -11.33 16.13
N ALA A 76 -7.94 -11.87 14.92
CA ALA A 76 -8.33 -11.14 13.72
C ALA A 76 -9.76 -10.65 13.84
N LEU A 77 -10.01 -9.36 13.57
CA LEU A 77 -11.37 -8.89 13.44
C LEU A 77 -11.44 -8.04 12.19
N PHE A 78 -12.42 -8.31 11.34
CA PHE A 78 -12.55 -7.65 10.05
C PHE A 78 -13.65 -6.60 10.14
N GLN A 79 -13.45 -5.53 9.41
CA GLN A 79 -14.43 -4.47 9.21
C GLN A 79 -14.76 -4.30 7.72
N ASP A 80 -15.80 -3.48 7.48
CA ASP A 80 -16.23 -3.01 6.16
C ASP A 80 -15.01 -2.52 5.44
N LEU A 81 -14.88 -2.86 4.14
CA LEU A 81 -13.83 -2.27 3.33
CA LEU A 81 -13.83 -2.28 3.34
C LEU A 81 -14.44 -1.15 2.51
N GLN A 82 -13.99 0.06 2.79
CA GLN A 82 -14.50 1.17 2.04
C GLN A 82 -13.90 1.19 0.63
N LYS A 83 -14.80 1.62 -0.29
CA LYS A 83 -14.53 1.74 -1.70
C LYS A 83 -13.45 2.79 -1.90
N PRO A 84 -12.70 2.68 -3.01
CA PRO A 84 -11.62 3.62 -3.33
C PRO A 84 -12.16 5.03 -3.37
N SER A 85 -11.31 6.02 -3.18
CA SER A 85 -11.76 7.41 -3.12
C SER A 85 -12.24 7.94 -4.47
N GLN A 86 -12.00 7.30 -5.59
CA GLN A 86 -12.31 7.78 -6.92
C GLN A 86 -12.81 6.60 -7.78
N ASP A 87 -13.64 6.90 -8.76
CA ASP A 87 -14.14 5.93 -9.70
C ASP A 87 -13.37 6.03 -11.02
N GLU A 88 -12.78 7.20 -11.30
CA GLU A 88 -11.92 7.45 -12.46
C GLU A 88 -10.64 8.17 -12.00
N TRP A 89 -9.49 7.80 -12.55
CA TRP A 89 -8.23 8.22 -11.93
C TRP A 89 -7.40 9.20 -12.74
N GLY A 90 -7.97 9.72 -13.83
CA GLY A 90 -7.33 10.79 -14.62
C GLY A 90 -6.10 10.26 -15.38
N THR A 91 -5.03 11.06 -15.38
CA THR A 91 -3.83 10.70 -16.12
C THR A 91 -2.96 9.74 -15.29
N THR A 92 -1.93 9.21 -15.97
CA THR A 92 -0.88 8.46 -15.26
C THR A 92 -0.27 9.28 -14.12
N LEU A 93 0.01 10.55 -14.40
CA LEU A 93 0.46 11.48 -13.38
C LEU A 93 -0.46 11.56 -12.15
N ASP A 94 -1.77 11.81 -12.40
CA ASP A 94 -2.78 11.88 -11.35
C ASP A 94 -2.74 10.63 -10.51
N ALA A 95 -2.69 9.49 -11.19
CA ALA A 95 -2.74 8.18 -10.56
C ALA A 95 -1.50 7.94 -9.70
N MET A 96 -0.34 8.25 -10.22
CA MET A 96 0.87 8.07 -9.47
C MET A 96 0.96 9.02 -8.27
N LYS A 97 0.41 10.23 -8.38
CA LYS A 97 0.33 11.12 -7.21
C LYS A 97 -0.60 10.56 -6.11
N ALA A 98 -1.71 9.96 -6.54
CA ALA A 98 -2.66 9.41 -5.60
C ALA A 98 -2.03 8.21 -4.91
N ALA A 99 -1.25 7.41 -5.66
CA ALA A 99 -0.57 6.22 -5.13
C ALA A 99 0.51 6.61 -4.11
N ILE A 100 1.22 7.70 -4.32
CA ILE A 100 2.21 8.15 -3.35
CA ILE A 100 2.22 8.18 -3.37
C ILE A 100 1.52 8.68 -2.10
N VAL A 101 0.42 9.40 -2.25
CA VAL A 101 -0.36 9.81 -1.09
C VAL A 101 -0.80 8.58 -0.29
N LEU A 102 -1.33 7.57 -0.96
CA LEU A 102 -1.76 6.37 -0.30
C LEU A 102 -0.60 5.73 0.45
N GLU A 103 0.53 5.56 -0.21
CA GLU A 103 1.68 4.89 0.41
C GLU A 103 2.23 5.65 1.59
N LYS A 104 2.27 6.98 1.52
CA LYS A 104 2.70 7.77 2.66
CA LYS A 104 2.68 7.80 2.65
C LYS A 104 1.77 7.54 3.85
N SER A 105 0.44 7.36 3.61
CA SER A 105 -0.46 7.08 4.73
C SER A 105 -0.27 5.66 5.28
N LEU A 106 -0.03 4.66 4.43
CA LEU A 106 0.31 3.33 4.94
C LEU A 106 1.60 3.39 5.75
N ASN A 107 2.56 4.13 5.23
CA ASN A 107 3.88 4.22 5.86
C ASN A 107 3.77 4.87 7.25
N GLN A 108 2.98 5.94 7.35
CA GLN A 108 2.78 6.55 8.65
C GLN A 108 2.03 5.61 9.63
N ALA A 109 1.16 4.76 9.12
CA ALA A 109 0.50 3.77 9.97
C ALA A 109 1.51 2.75 10.47
N LEU A 110 2.42 2.33 9.60
CA LEU A 110 3.45 1.42 10.00
C LEU A 110 4.29 2.05 11.10
N LEU A 111 4.69 3.30 10.91
CA LEU A 111 5.56 3.96 11.89
C LEU A 111 4.82 4.18 13.21
N ASP A 112 3.54 4.55 13.15
CA ASP A 112 2.72 4.70 14.35
C ASP A 112 2.65 3.40 15.14
N LEU A 113 2.44 2.30 14.44
CA LEU A 113 2.41 0.99 15.09
C LEU A 113 3.76 0.57 15.66
N HIS A 114 4.86 0.88 14.95
CA HIS A 114 6.18 0.57 15.49
C HIS A 114 6.36 1.33 16.80
N ALA A 115 5.91 2.59 16.82
CA ALA A 115 6.13 3.43 18.00
C ALA A 115 5.34 2.86 19.18
N LEU A 116 4.11 2.41 18.90
CA LEU A 116 3.31 1.80 19.92
C LEU A 116 3.98 0.54 20.45
N GLY A 117 4.50 -0.28 19.52
CA GLY A 117 5.14 -1.51 19.95
C GLY A 117 6.38 -1.22 20.80
N SER A 118 7.02 -0.14 20.41
CA SER A 118 8.18 0.29 21.14
C SER A 118 7.79 0.79 22.54
N ALA A 119 6.74 1.59 22.69
CA ALA A 119 6.25 2.03 24.00
C ALA A 119 5.75 0.84 24.86
N GLN A 120 5.13 -0.15 24.22
CA GLN A 120 4.66 -1.37 24.90
C GLN A 120 5.78 -2.38 25.16
N ALA A 121 7.02 -2.12 24.72
CA ALA A 121 8.14 -3.07 24.91
C ALA A 121 7.81 -4.42 24.27
N ASP A 122 7.49 -4.36 22.99
CA ASP A 122 7.08 -5.50 22.18
C ASP A 122 8.06 -5.63 21.01
N PRO A 123 9.24 -6.20 21.30
CA PRO A 123 10.29 -6.23 20.31
C PRO A 123 9.96 -7.16 19.15
N HIS A 124 9.10 -8.18 19.34
CA HIS A 124 8.84 -9.04 18.20
C HIS A 124 8.03 -8.27 17.15
N LEU A 125 7.04 -7.45 17.59
CA LEU A 125 6.25 -6.61 16.69
CA LEU A 125 6.25 -6.64 16.66
C LEU A 125 7.16 -5.64 15.94
N CYS A 126 8.03 -4.98 16.70
CA CYS A 126 8.97 -4.03 16.10
C CYS A 126 9.82 -4.71 15.07
N ASP A 127 10.36 -5.89 15.36
CA ASP A 127 11.18 -6.58 14.38
C ASP A 127 10.36 -7.00 13.15
N PHE A 128 9.13 -7.44 13.40
CA PHE A 128 8.31 -7.95 12.31
C PHE A 128 8.02 -6.81 11.31
N LEU A 129 7.75 -5.61 11.81
CA LEU A 129 7.57 -4.48 10.93
C LEU A 129 8.86 -4.12 10.25
N GLU A 130 9.97 -4.17 10.97
CA GLU A 130 11.29 -3.87 10.40
C GLU A 130 11.61 -4.84 9.27
N SER A 131 11.40 -6.13 9.49
CA SER A 131 11.84 -7.13 8.53
C SER A 131 10.94 -7.17 7.31
N HIS A 132 9.63 -7.02 7.48
CA HIS A 132 8.76 -7.24 6.33
C HIS A 132 8.03 -6.00 5.77
N PHE A 133 8.01 -4.84 6.45
CA PHE A 133 7.26 -3.73 5.89
C PHE A 133 8.08 -2.43 5.70
N LEU A 134 8.91 -2.01 6.66
CA LEU A 134 9.37 -0.60 6.65
C LEU A 134 10.29 -0.33 5.46
N ASP A 135 11.25 -1.24 5.21
CA ASP A 135 12.15 -1.07 4.08
C ASP A 135 11.41 -1.24 2.73
N GLU A 136 10.48 -2.20 2.66
CA GLU A 136 9.70 -2.43 1.45
C GLU A 136 8.93 -1.17 1.09
N GLU A 137 8.40 -0.50 2.11
CA GLU A 137 7.64 0.70 1.89
C GLU A 137 8.56 1.82 1.41
N VAL A 138 9.71 2.01 2.06
CA VAL A 138 10.67 3.00 1.59
C VAL A 138 11.05 2.81 0.11
N LYS A 139 11.40 1.58 -0.26
CA LYS A 139 11.79 1.25 -1.62
C LYS A 139 10.65 1.59 -2.58
N LEU A 140 9.42 1.29 -2.20
CA LEU A 140 8.30 1.54 -3.09
C LEU A 140 8.08 3.04 -3.30
N ILE A 141 8.16 3.79 -2.20
CA ILE A 141 7.99 5.23 -2.28
C ILE A 141 9.09 5.86 -3.12
N LYS A 142 10.34 5.39 -3.00
CA LYS A 142 11.45 5.87 -3.85
C LYS A 142 11.17 5.65 -5.33
N LYS A 143 10.75 4.46 -5.67
CA LYS A 143 10.34 4.06 -7.01
C LYS A 143 9.22 4.94 -7.51
N MET A 144 8.18 5.19 -6.70
CA MET A 144 7.10 6.06 -7.17
C MET A 144 7.61 7.48 -7.35
N GLY A 145 8.44 7.99 -6.43
CA GLY A 145 8.99 9.31 -6.63
C GLY A 145 9.80 9.38 -7.95
N ASP A 146 10.60 8.33 -8.21
CA ASP A 146 11.37 8.24 -9.45
C ASP A 146 10.42 8.35 -10.67
N HIS A 147 9.29 7.64 -10.62
CA HIS A 147 8.34 7.62 -11.71
C HIS A 147 7.69 8.99 -11.89
N LEU A 148 7.35 9.60 -10.76
CA LEU A 148 6.69 10.90 -10.82
CA LEU A 148 6.71 10.89 -10.81
C LEU A 148 7.58 11.88 -11.58
N THR A 149 8.87 11.87 -11.27
CA THR A 149 9.82 12.81 -11.85
C THR A 149 9.89 12.62 -13.34
N ASN A 150 9.99 11.37 -13.77
CA ASN A 150 10.01 11.01 -15.17
C ASN A 150 8.70 11.36 -15.89
N ILE A 151 7.57 11.17 -15.23
CA ILE A 151 6.29 11.51 -15.83
C ILE A 151 6.24 13.02 -16.07
N GLN A 152 6.70 13.79 -15.08
CA GLN A 152 6.63 15.24 -15.06
C GLN A 152 7.55 15.78 -16.13
N ARG A 153 8.77 15.21 -16.25
CA ARG A 153 9.66 15.69 -17.30
C ARG A 153 9.03 15.47 -18.67
N LEU A 154 8.20 14.43 -18.82
CA LEU A 154 7.66 14.08 -20.11
C LEU A 154 6.41 14.84 -20.47
N VAL A 155 5.85 15.66 -19.56
CA VAL A 155 4.63 16.34 -19.94
C VAL A 155 4.94 17.44 -20.94
N GLY A 156 5.89 18.31 -20.52
CA GLY A 156 6.41 19.34 -21.39
C GLY A 156 5.26 19.99 -22.17
N SER A 157 5.35 19.94 -23.50
CA SER A 157 4.35 20.52 -24.40
C SER A 157 3.32 19.47 -24.82
N GLN A 158 3.73 18.19 -24.73
CA GLN A 158 3.23 17.11 -25.55
C GLN A 158 2.72 15.98 -24.64
N ALA A 159 1.55 16.17 -24.00
CA ALA A 159 1.24 15.36 -22.82
C ALA A 159 0.91 13.89 -23.20
N GLY A 160 0.08 13.69 -24.26
CA GLY A 160 -0.22 12.38 -24.81
C GLY A 160 1.03 11.57 -25.16
N LEU A 161 1.93 12.22 -25.90
CA LEU A 161 3.18 11.64 -26.35
C LEU A 161 3.97 11.17 -25.12
N GLY A 162 4.13 12.04 -24.13
CA GLY A 162 4.87 11.72 -22.92
C GLY A 162 4.24 10.58 -22.11
N GLU A 163 2.91 10.51 -22.07
CA GLU A 163 2.22 9.43 -21.36
C GLU A 163 2.43 8.10 -22.07
N TYR A 164 2.40 8.12 -23.40
CA TYR A 164 2.65 6.91 -24.17
C TYR A 164 4.08 6.44 -23.95
N LEU A 165 5.03 7.35 -24.08
CA LEU A 165 6.43 6.97 -24.00
C LEU A 165 6.83 6.44 -22.64
N PHE A 166 6.33 7.06 -21.56
CA PHE A 166 6.58 6.56 -20.21
C PHE A 166 6.07 5.12 -20.03
N GLU A 167 4.83 4.87 -20.50
CA GLU A 167 4.25 3.55 -20.37
C GLU A 167 5.01 2.52 -21.20
N ARG A 168 5.48 2.92 -22.39
CA ARG A 168 6.14 1.99 -23.28
C ARG A 168 7.58 1.78 -22.82
N LEU A 169 8.31 2.83 -22.39
CA LEU A 169 9.77 2.66 -22.19
C LEU A 169 10.18 2.50 -20.73
N THR A 170 9.32 2.86 -19.80
CA THR A 170 9.61 2.66 -18.39
C THR A 170 8.75 1.55 -17.83
N LEU A 171 7.41 1.49 -18.01
CA LEU A 171 6.68 0.49 -17.21
C LEU A 171 6.60 -0.97 -17.76
CD CD B . -4.61 -4.60 -18.71
CD CD C . 2.40 -11.08 -9.55
CD CD D . 15.54 -3.99 15.31
CD CD E . 16.30 -6.85 12.10
CD CD F . -21.16 -3.36 7.65
CD CD G . 15.33 -1.67 16.11
CD CD H . 9.41 -13.35 9.04
CD CD I . 3.07 -11.78 -4.96
CD CD J . 4.58 -10.47 -4.07
S SO4 K . 2.37 -11.40 29.68
O1 SO4 K . 1.69 -11.83 28.51
O2 SO4 K . 2.85 -12.56 30.38
O3 SO4 K . 1.48 -10.64 30.52
O4 SO4 K . 3.45 -10.54 29.35
S SO4 L . -8.64 -7.53 -2.42
O1 SO4 L . -9.17 -8.73 -1.82
O2 SO4 L . -7.23 -7.70 -2.52
O3 SO4 L . -9.21 -7.35 -3.72
O4 SO4 L . -8.97 -6.38 -1.59
S SO4 M . -14.53 10.23 -9.36
O1 SO4 M . -15.11 9.39 -8.31
O2 SO4 M . -13.95 9.50 -10.40
O3 SO4 M . -15.54 11.07 -9.88
O4 SO4 M . -13.47 10.99 -8.73
CL CL N . -22.44 -5.63 7.03
#